data_1US5
#
_entry.id   1US5
#
_cell.length_a   43.440
_cell.length_b   69.476
_cell.length_c   103.798
_cell.angle_alpha   90.00
_cell.angle_beta   90.00
_cell.angle_gamma   90.00
#
_symmetry.space_group_name_H-M   'P 21 21 21'
#
loop_
_entity.id
_entity.type
_entity.pdbx_description
1 polymer 'PUTATIVE GLUR0 LIGAND BINDING CORE'
2 non-polymer 'GLUTAMIC ACID'
3 non-polymer 1,2-ETHANEDIOL
4 water water
#
_entity_poly.entity_id   1
_entity_poly.type   'polypeptide(L)'
_entity_poly.pdbx_seq_one_letter_code
;MRKPILAALTLAGLGLAQEFITIGSGSTTGVYFPVATGIAKLVNDANVGIRANARSTGGSVANINAINAGEFEMALAQND
IAYYAYQGCCIPAFEGKPVKTIRALAALYPEVVHVVARKDAGIRTVADLKGKRVVVGDVGSGTEQNARQILEAYGLTFDD
LGQAIRVSASQGIQLMQDKRADALFYTVGLGASAIQQLALTTPIALVAVDLNRIQAIAKKYPFYVGFNIPGGTYKGVDVT
TPTVAVQAMLIASERLSEETVYKFMKAVFGNLEAFKKIHPNLERFFGLEKAVKGLPIPLHPGAERFYKEAGVLK
;
_entity_poly.pdbx_strand_id   A
#
loop_
_chem_comp.id
_chem_comp.type
_chem_comp.name
_chem_comp.formula
EDO non-polymer 1,2-ETHANEDIOL 'C2 H6 O2'
#
# COMPACT_ATOMS: atom_id res chain seq x y z
N ALA A 17 -15.94 7.11 23.22
CA ALA A 17 -15.78 8.55 22.82
C ALA A 17 -16.90 8.94 21.87
N GLN A 18 -17.08 10.24 21.64
CA GLN A 18 -18.16 10.66 20.76
C GLN A 18 -17.81 11.05 19.32
N GLU A 19 -16.53 11.26 19.00
CA GLU A 19 -16.21 11.54 17.59
C GLU A 19 -15.69 10.24 16.99
N PHE A 20 -16.44 9.70 16.04
CA PHE A 20 -16.09 8.43 15.41
C PHE A 20 -15.23 8.58 14.16
N ILE A 21 -14.14 7.82 14.12
CA ILE A 21 -13.22 7.83 12.99
C ILE A 21 -12.98 6.42 12.50
N THR A 22 -13.29 6.18 11.23
CA THR A 22 -13.06 4.88 10.62
C THR A 22 -11.86 5.01 9.69
N ILE A 23 -10.91 4.10 9.82
CA ILE A 23 -9.69 4.11 9.00
C ILE A 23 -9.70 2.98 7.98
N GLY A 24 -9.74 3.33 6.70
CA GLY A 24 -9.71 2.32 5.65
C GLY A 24 -8.32 1.73 5.58
N SER A 25 -8.21 0.43 5.30
CA SER A 25 -6.90 -0.19 5.22
C SER A 25 -6.71 -1.13 4.03
N GLY A 26 -6.68 -2.43 4.28
CA GLY A 26 -6.50 -3.38 3.18
C GLY A 26 -6.86 -4.78 3.63
N SER A 27 -6.27 -5.79 3.00
CA SER A 27 -6.54 -7.17 3.37
C SER A 27 -6.08 -7.41 4.80
N THR A 28 -6.78 -8.28 5.52
CA THR A 28 -6.40 -8.54 6.90
C THR A 28 -4.98 -9.08 7.03
N THR A 29 -4.46 -9.71 5.99
CA THR A 29 -3.10 -10.27 6.04
C THR A 29 -2.03 -9.41 5.36
N GLY A 30 -2.37 -8.14 5.10
CA GLY A 30 -1.41 -7.23 4.51
C GLY A 30 -0.79 -6.44 5.65
N VAL A 31 -0.24 -5.26 5.38
CA VAL A 31 0.37 -4.45 6.42
C VAL A 31 -0.53 -3.28 6.85
N TYR A 32 -1.32 -2.73 5.93
CA TYR A 32 -2.22 -1.63 6.26
C TYR A 32 -3.15 -1.99 7.42
N PHE A 33 -3.75 -3.18 7.35
CA PHE A 33 -4.70 -3.59 8.38
C PHE A 33 -4.13 -3.62 9.79
N PRO A 34 -3.00 -4.34 10.00
CA PRO A 34 -2.48 -4.34 11.36
C PRO A 34 -2.02 -2.94 11.81
N VAL A 35 -1.53 -2.14 10.86
CA VAL A 35 -1.09 -0.80 11.19
C VAL A 35 -2.29 0.07 11.58
N ALA A 36 -3.37 0.01 10.79
CA ALA A 36 -4.56 0.80 11.09
C ALA A 36 -5.19 0.33 12.40
N THR A 37 -5.15 -0.98 12.64
CA THR A 37 -5.71 -1.53 13.86
C THR A 37 -4.91 -1.00 15.06
N GLY A 38 -3.59 -0.96 14.89
CA GLY A 38 -2.73 -0.46 15.96
C GLY A 38 -2.95 1.01 16.21
N ILE A 39 -3.11 1.78 15.14
CA ILE A 39 -3.35 3.21 15.27
C ILE A 39 -4.66 3.45 16.02
N ALA A 40 -5.69 2.68 15.66
CA ALA A 40 -7.00 2.82 16.31
C ALA A 40 -6.88 2.49 17.80
N LYS A 41 -6.06 1.51 18.13
CA LYS A 41 -5.88 1.13 19.52
C LYS A 41 -5.23 2.25 20.31
N LEU A 42 -4.20 2.87 19.73
CA LEU A 42 -3.51 3.98 20.40
C LEU A 42 -4.48 5.13 20.67
N VAL A 43 -5.29 5.47 19.68
CA VAL A 43 -6.26 6.56 19.84
C VAL A 43 -7.30 6.23 20.90
N ASN A 44 -7.84 5.01 20.84
CA ASN A 44 -8.88 4.62 21.79
C ASN A 44 -8.34 4.50 23.22
N ASP A 45 -7.12 4.03 23.37
CA ASP A 45 -6.54 3.89 24.70
C ASP A 45 -6.15 5.24 25.30
N ALA A 46 -6.05 6.25 24.45
CA ALA A 46 -5.70 7.60 24.90
C ALA A 46 -6.86 8.29 25.59
N ASN A 47 -8.08 7.82 25.32
CA ASN A 47 -9.27 8.41 25.93
C ASN A 47 -9.32 9.92 25.69
N VAL A 48 -9.31 10.31 24.41
CA VAL A 48 -9.34 11.72 24.07
C VAL A 48 -10.61 12.16 23.34
N GLY A 49 -11.69 11.39 23.50
CA GLY A 49 -12.93 11.76 22.86
C GLY A 49 -13.08 11.28 21.43
N ILE A 50 -12.20 10.37 21.03
CA ILE A 50 -12.25 9.81 19.68
C ILE A 50 -12.43 8.31 19.76
N ARG A 51 -13.34 7.79 18.95
CA ARG A 51 -13.62 6.36 18.89
C ARG A 51 -13.21 5.93 17.48
N ALA A 52 -12.09 5.22 17.38
CA ALA A 52 -11.60 4.80 16.08
C ALA A 52 -11.68 3.29 15.82
N ASN A 53 -11.82 2.93 14.56
CA ASN A 53 -11.86 1.53 14.17
C ASN A 53 -11.25 1.38 12.80
N ALA A 54 -10.59 0.25 12.57
CA ALA A 54 -9.96 -0.03 11.29
C ALA A 54 -10.86 -0.95 10.47
N ARG A 55 -11.00 -0.65 9.18
CA ARG A 55 -11.83 -1.44 8.30
C ARG A 55 -10.99 -2.08 7.20
N SER A 56 -11.14 -3.40 7.03
CA SER A 56 -10.42 -4.10 5.98
C SER A 56 -11.11 -3.69 4.68
N THR A 57 -10.34 -3.50 3.62
CA THR A 57 -10.87 -3.08 2.33
C THR A 57 -10.00 -3.62 1.20
N GLY A 58 -10.34 -3.24 -0.04
CA GLY A 58 -9.56 -3.68 -1.18
C GLY A 58 -8.25 -2.93 -1.35
N GLY A 59 -8.07 -1.84 -0.61
CA GLY A 59 -6.82 -1.10 -0.74
C GLY A 59 -6.97 0.37 -1.06
N SER A 60 -5.88 0.96 -1.56
CA SER A 60 -5.80 2.38 -1.88
C SER A 60 -6.92 3.06 -2.65
N VAL A 61 -7.29 2.50 -3.80
CA VAL A 61 -8.34 3.12 -4.59
C VAL A 61 -9.67 3.09 -3.84
N ALA A 62 -10.02 1.94 -3.30
CA ALA A 62 -11.27 1.81 -2.55
C ALA A 62 -11.29 2.78 -1.35
N ASN A 63 -10.16 2.91 -0.69
CA ASN A 63 -10.06 3.80 0.48
C ASN A 63 -10.29 5.25 0.11
N ILE A 64 -9.64 5.70 -0.96
CA ILE A 64 -9.79 7.09 -1.37
C ILE A 64 -11.22 7.35 -1.81
N ASN A 65 -11.83 6.40 -2.54
CA ASN A 65 -13.21 6.57 -2.97
C ASN A 65 -14.12 6.67 -1.74
N ALA A 66 -13.81 5.89 -0.71
CA ALA A 66 -14.61 5.89 0.51
C ALA A 66 -14.51 7.23 1.23
N ILE A 67 -13.32 7.84 1.24
CA ILE A 67 -13.16 9.13 1.89
C ILE A 67 -13.92 10.18 1.08
N ASN A 68 -13.83 10.09 -0.24
CA ASN A 68 -14.50 11.04 -1.12
C ASN A 68 -16.02 10.96 -0.90
N ALA A 69 -16.53 9.75 -0.69
CA ALA A 69 -17.96 9.54 -0.47
C ALA A 69 -18.40 9.88 0.95
N GLY A 70 -17.44 10.18 1.82
CA GLY A 70 -17.77 10.50 3.20
C GLY A 70 -18.01 9.29 4.07
N GLU A 71 -17.63 8.11 3.58
CA GLU A 71 -17.82 6.88 4.34
C GLU A 71 -16.69 6.63 5.35
N PHE A 72 -15.46 6.97 4.97
CA PHE A 72 -14.32 6.84 5.88
C PHE A 72 -13.78 8.24 6.14
N GLU A 73 -13.22 8.45 7.34
CA GLU A 73 -12.64 9.73 7.68
C GLU A 73 -11.15 9.73 7.37
N MET A 74 -10.54 8.55 7.46
CA MET A 74 -9.11 8.39 7.22
C MET A 74 -8.84 7.07 6.53
N ALA A 75 -7.60 6.88 6.09
CA ALA A 75 -7.21 5.65 5.45
C ALA A 75 -5.72 5.61 5.15
N LEU A 76 -5.23 4.41 4.86
CA LEU A 76 -3.84 4.23 4.46
C LEU A 76 -3.93 4.15 2.94
N ALA A 77 -2.96 4.71 2.24
CA ALA A 77 -2.96 4.67 0.78
C ALA A 77 -1.56 4.91 0.23
N GLN A 78 -1.33 4.44 -0.99
CA GLN A 78 -0.03 4.62 -1.64
C GLN A 78 0.09 6.07 -2.07
N ASN A 79 1.31 6.62 -2.02
CA ASN A 79 1.51 8.00 -2.42
C ASN A 79 1.17 8.24 -3.89
N ASP A 80 1.48 7.28 -4.76
CA ASP A 80 1.16 7.44 -6.17
C ASP A 80 -0.35 7.53 -6.39
N ILE A 81 -1.09 6.61 -5.77
CA ILE A 81 -2.55 6.61 -5.93
C ILE A 81 -3.15 7.90 -5.36
N ALA A 82 -2.64 8.36 -4.23
CA ALA A 82 -3.15 9.59 -3.62
C ALA A 82 -2.95 10.77 -4.57
N TYR A 83 -1.79 10.82 -5.22
CA TYR A 83 -1.51 11.89 -6.16
C TYR A 83 -2.47 11.83 -7.36
N TYR A 84 -2.63 10.66 -7.94
CA TYR A 84 -3.51 10.50 -9.10
C TYR A 84 -4.95 10.91 -8.74
N ALA A 85 -5.36 10.59 -7.51
CA ALA A 85 -6.71 10.91 -7.07
C ALA A 85 -6.88 12.42 -6.89
N TYR A 86 -5.94 13.03 -6.18
CA TYR A 86 -6.00 14.46 -5.92
C TYR A 86 -5.96 15.29 -7.21
N GLN A 87 -5.12 14.88 -8.15
CA GLN A 87 -4.99 15.59 -9.42
C GLN A 87 -6.01 15.15 -10.48
N GLY A 88 -6.68 14.03 -10.21
CA GLY A 88 -7.67 13.50 -11.13
C GLY A 88 -7.06 13.10 -12.46
N CYS A 89 -6.09 12.19 -12.41
CA CYS A 89 -5.42 11.76 -13.64
C CYS A 89 -4.77 10.37 -13.60
N CYS A 90 -4.07 10.04 -14.67
N CYS A 90 -4.08 10.05 -14.68
CA CYS A 90 -3.31 8.80 -14.82
CA CYS A 90 -3.35 8.80 -14.86
C CYS A 90 -4.01 7.45 -14.78
C CYS A 90 -4.08 7.46 -14.84
N ILE A 91 -4.93 7.24 -13.84
N ILE A 91 -4.92 7.23 -13.84
CA ILE A 91 -5.63 5.95 -13.77
C ILE A 91 -7.14 6.11 -13.93
N PRO A 92 -7.79 5.10 -14.55
CA PRO A 92 -9.24 5.08 -14.80
C PRO A 92 -10.13 5.54 -13.66
N ALA A 93 -9.81 5.07 -12.45
CA ALA A 93 -10.60 5.44 -11.28
C ALA A 93 -10.69 6.92 -11.01
N PHE A 94 -9.65 7.68 -11.39
CA PHE A 94 -9.64 9.11 -11.13
C PHE A 94 -9.45 10.03 -12.33
N GLU A 95 -9.24 9.45 -13.51
CA GLU A 95 -9.03 10.23 -14.72
C GLU A 95 -10.17 11.24 -14.93
N GLY A 96 -9.84 12.51 -14.83
CA GLY A 96 -10.83 13.56 -15.01
C GLY A 96 -11.84 13.65 -13.88
N LYS A 97 -11.58 12.90 -12.80
CA LYS A 97 -12.48 12.88 -11.64
C LYS A 97 -11.67 13.03 -10.36
N PRO A 98 -11.10 14.22 -10.14
CA PRO A 98 -10.28 14.53 -8.97
C PRO A 98 -11.00 14.44 -7.62
N VAL A 99 -10.24 14.04 -6.60
CA VAL A 99 -10.73 13.92 -5.24
C VAL A 99 -9.92 14.95 -4.45
N LYS A 100 -10.43 16.18 -4.41
CA LYS A 100 -9.74 17.27 -3.72
C LYS A 100 -9.92 17.28 -2.22
N THR A 101 -10.70 16.36 -1.68
CA THR A 101 -10.95 16.32 -0.25
C THR A 101 -9.90 15.59 0.59
N ILE A 102 -8.99 14.85 -0.05
CA ILE A 102 -7.99 14.14 0.72
C ILE A 102 -6.79 14.99 1.12
N ARG A 103 -6.28 14.72 2.31
CA ARG A 103 -5.12 15.43 2.87
C ARG A 103 -4.18 14.41 3.47
N ALA A 104 -2.89 14.75 3.51
CA ALA A 104 -1.89 13.86 4.08
C ALA A 104 -1.73 14.09 5.57
N LEU A 105 -1.45 13.01 6.30
CA LEU A 105 -1.19 13.11 7.73
C LEU A 105 0.27 12.73 7.94
N ALA A 106 0.73 11.70 7.23
CA ALA A 106 2.11 11.27 7.37
C ALA A 106 2.56 10.20 6.39
N ALA A 107 3.82 10.30 5.93
CA ALA A 107 4.41 9.31 5.05
C ALA A 107 4.90 8.26 6.04
N LEU A 108 4.69 6.99 5.76
CA LEU A 108 5.05 5.93 6.70
C LEU A 108 6.23 5.00 6.42
N TYR A 109 6.13 4.20 5.37
CA TYR A 109 7.18 3.24 5.03
C TYR A 109 7.08 2.86 3.56
N PRO A 110 8.12 2.20 3.02
CA PRO A 110 8.11 1.79 1.61
C PRO A 110 7.23 0.57 1.33
N GLU A 111 6.46 0.66 0.24
CA GLU A 111 5.62 -0.45 -0.17
C GLU A 111 6.28 -1.00 -1.42
N VAL A 112 6.76 -2.23 -1.30
CA VAL A 112 7.47 -2.89 -2.39
C VAL A 112 6.58 -3.71 -3.30
N VAL A 113 6.84 -3.62 -4.60
CA VAL A 113 6.04 -4.40 -5.53
C VAL A 113 6.57 -5.83 -5.56
N HIS A 114 5.80 -6.74 -4.98
CA HIS A 114 6.17 -8.16 -4.95
C HIS A 114 5.50 -8.85 -6.12
N VAL A 115 6.31 -9.55 -6.92
CA VAL A 115 5.80 -10.31 -8.06
C VAL A 115 6.20 -11.75 -7.71
N VAL A 116 5.24 -12.53 -7.23
CA VAL A 116 5.48 -13.89 -6.80
C VAL A 116 5.01 -14.92 -7.81
N ALA A 117 5.89 -15.85 -8.16
CA ALA A 117 5.54 -16.89 -9.12
C ALA A 117 5.77 -18.27 -8.54
N ARG A 118 4.93 -19.22 -8.92
CA ARG A 118 5.15 -20.60 -8.46
C ARG A 118 6.36 -21.07 -9.28
N LYS A 119 7.19 -21.91 -8.65
N LYS A 119 7.23 -21.85 -8.65
CA LYS A 119 8.32 -22.51 -9.33
CA LYS A 119 8.48 -22.33 -9.30
C LYS A 119 7.72 -23.55 -10.29
C LYS A 119 8.55 -23.02 -10.66
N ASP A 120 8.43 -23.88 -11.36
N ASP A 120 7.77 -24.08 -10.87
CA ASP A 120 7.94 -24.81 -12.39
CA ASP A 120 7.84 -24.77 -12.15
C ASP A 120 6.64 -24.36 -13.04
N ALA A 121 6.40 -23.05 -13.04
CA ALA A 121 5.25 -22.49 -13.73
C ALA A 121 5.67 -21.79 -15.02
N GLY A 122 6.96 -21.86 -15.33
CA GLY A 122 7.46 -21.24 -16.55
C GLY A 122 7.51 -19.72 -16.49
N ILE A 123 7.78 -19.19 -15.30
CA ILE A 123 7.83 -17.74 -15.11
C ILE A 123 9.15 -17.35 -14.45
N ARG A 124 9.99 -16.62 -15.19
CA ARG A 124 11.27 -16.15 -14.67
C ARG A 124 11.35 -14.63 -14.77
N THR A 125 10.57 -14.04 -15.67
CA THR A 125 10.55 -12.59 -15.84
C THR A 125 9.12 -12.11 -16.00
N VAL A 126 8.92 -10.80 -15.92
CA VAL A 126 7.59 -10.24 -16.07
C VAL A 126 7.01 -10.61 -17.44
N ALA A 127 7.86 -10.67 -18.45
CA ALA A 127 7.43 -11.01 -19.81
C ALA A 127 6.79 -12.40 -19.87
N ASP A 128 7.24 -13.29 -18.99
CA ASP A 128 6.72 -14.65 -18.98
C ASP A 128 5.29 -14.75 -18.42
N LEU A 129 4.75 -13.63 -17.93
CA LEU A 129 3.40 -13.64 -17.39
C LEU A 129 2.35 -13.75 -18.49
N LYS A 130 2.76 -13.52 -19.73
CA LYS A 130 1.84 -13.63 -20.85
C LYS A 130 1.23 -15.04 -20.85
N GLY A 131 -0.09 -15.11 -20.93
CA GLY A 131 -0.77 -16.39 -20.95
C GLY A 131 -0.95 -17.10 -19.62
N LYS A 132 -0.46 -16.50 -18.54
CA LYS A 132 -0.56 -17.12 -17.21
C LYS A 132 -1.76 -16.61 -16.42
N ARG A 133 -2.15 -17.39 -15.40
CA ARG A 133 -3.25 -17.01 -14.52
C ARG A 133 -2.60 -16.20 -13.41
N VAL A 134 -2.90 -14.91 -13.36
CA VAL A 134 -2.25 -14.03 -12.39
C VAL A 134 -3.19 -13.25 -11.48
N VAL A 135 -2.89 -13.27 -10.19
CA VAL A 135 -3.66 -12.50 -9.22
C VAL A 135 -3.00 -11.12 -9.31
N VAL A 136 -3.73 -10.17 -9.89
CA VAL A 136 -3.20 -8.83 -10.10
C VAL A 136 -3.42 -7.84 -8.98
N GLY A 137 -4.17 -8.25 -7.96
CA GLY A 137 -4.46 -7.37 -6.85
C GLY A 137 -5.93 -7.44 -6.52
N ASP A 138 -6.35 -6.84 -5.42
CA ASP A 138 -7.75 -6.88 -5.04
C ASP A 138 -8.53 -5.81 -5.80
N VAL A 139 -9.85 -5.92 -5.79
CA VAL A 139 -10.70 -4.94 -6.43
C VAL A 139 -10.51 -3.65 -5.63
N GLY A 140 -10.18 -2.56 -6.31
CA GLY A 140 -9.98 -1.29 -5.63
C GLY A 140 -8.61 -1.16 -4.98
N SER A 141 -7.69 -2.03 -5.37
CA SER A 141 -6.34 -2.00 -4.80
C SER A 141 -5.39 -1.08 -5.55
N GLY A 142 -4.34 -0.65 -4.84
CA GLY A 142 -3.33 0.16 -5.49
C GLY A 142 -2.50 -0.86 -6.27
N THR A 143 -2.40 -2.07 -5.73
CA THR A 143 -1.65 -3.17 -6.35
C THR A 143 -1.99 -3.39 -7.81
N GLU A 144 -3.29 -3.45 -8.11
CA GLU A 144 -3.73 -3.66 -9.47
C GLU A 144 -3.23 -2.59 -10.42
N GLN A 145 -3.15 -1.35 -9.93
CA GLN A 145 -2.67 -0.25 -10.75
C GLN A 145 -1.18 -0.42 -11.04
N ASN A 146 -0.41 -0.78 -10.01
CA ASN A 146 1.02 -0.98 -10.19
C ASN A 146 1.25 -2.16 -11.14
N ALA A 147 0.40 -3.19 -11.03
CA ALA A 147 0.55 -4.37 -11.88
C ALA A 147 0.36 -3.98 -13.34
N ARG A 148 -0.66 -3.16 -13.61
CA ARG A 148 -0.91 -2.73 -14.99
C ARG A 148 0.27 -1.93 -15.53
N GLN A 149 0.81 -1.05 -14.69
CA GLN A 149 1.93 -0.21 -15.07
C GLN A 149 3.21 -0.99 -15.30
N ILE A 150 3.49 -1.98 -14.45
CA ILE A 150 4.68 -2.79 -14.61
C ILE A 150 4.53 -3.64 -15.87
N LEU A 151 3.35 -4.19 -16.11
CA LEU A 151 3.15 -4.98 -17.33
C LEU A 151 3.38 -4.07 -18.54
N GLU A 152 2.90 -2.83 -18.46
CA GLU A 152 3.07 -1.87 -19.56
C GLU A 152 4.55 -1.65 -19.86
N ALA A 153 5.36 -1.59 -18.81
CA ALA A 153 6.81 -1.38 -18.97
C ALA A 153 7.43 -2.53 -19.74
N TYR A 154 6.76 -3.67 -19.73
CA TYR A 154 7.25 -4.84 -20.44
C TYR A 154 6.45 -5.12 -21.71
N GLY A 155 5.66 -4.13 -22.12
CA GLY A 155 4.87 -4.25 -23.34
C GLY A 155 3.63 -5.14 -23.27
N LEU A 156 3.12 -5.38 -22.07
CA LEU A 156 1.94 -6.22 -21.89
C LEU A 156 0.79 -5.48 -21.20
N THR A 157 -0.39 -6.07 -21.25
CA THR A 157 -1.58 -5.52 -20.59
C THR A 157 -2.29 -6.71 -19.95
N PHE A 158 -3.36 -6.45 -19.20
CA PHE A 158 -4.09 -7.54 -18.58
C PHE A 158 -4.70 -8.48 -19.63
N ASP A 159 -4.94 -7.96 -20.83
CA ASP A 159 -5.52 -8.80 -21.87
C ASP A 159 -4.53 -9.82 -22.42
N ASP A 160 -3.27 -9.70 -22.02
CA ASP A 160 -2.23 -10.63 -22.45
C ASP A 160 -2.07 -11.76 -21.45
N LEU A 161 -2.69 -11.62 -20.29
CA LEU A 161 -2.64 -12.65 -19.25
C LEU A 161 -3.67 -13.73 -19.57
N GLY A 162 -3.46 -14.93 -19.04
CA GLY A 162 -4.41 -16.01 -19.27
C GLY A 162 -5.65 -15.73 -18.45
N GLN A 163 -5.46 -15.01 -17.35
CA GLN A 163 -6.56 -14.63 -16.47
C GLN A 163 -6.04 -13.56 -15.51
N ALA A 164 -6.80 -12.48 -15.38
CA ALA A 164 -6.46 -11.39 -14.47
C ALA A 164 -7.41 -11.53 -13.28
N ILE A 165 -6.92 -12.15 -12.23
CA ILE A 165 -7.70 -12.43 -11.03
C ILE A 165 -7.62 -11.32 -9.98
N ARG A 166 -8.78 -10.86 -9.52
CA ARG A 166 -8.84 -9.80 -8.51
C ARG A 166 -9.53 -10.32 -7.25
N VAL A 167 -8.73 -10.55 -6.20
CA VAL A 167 -9.22 -11.08 -4.93
C VAL A 167 -8.37 -10.55 -3.79
N SER A 168 -8.79 -10.85 -2.56
CA SER A 168 -8.06 -10.42 -1.36
C SER A 168 -6.76 -11.18 -1.25
N ALA A 169 -5.90 -10.74 -0.35
CA ALA A 169 -4.60 -11.39 -0.15
C ALA A 169 -4.76 -12.84 0.28
N SER A 170 -5.66 -13.10 1.23
CA SER A 170 -5.88 -14.47 1.71
C SER A 170 -6.37 -15.37 0.59
N GLN A 171 -7.33 -14.87 -0.19
CA GLN A 171 -7.88 -15.62 -1.29
C GLN A 171 -6.81 -15.86 -2.35
N GLY A 172 -6.00 -14.83 -2.59
CA GLY A 172 -4.95 -14.93 -3.59
C GLY A 172 -3.91 -15.99 -3.27
N ILE A 173 -3.43 -16.02 -2.03
CA ILE A 173 -2.42 -17.03 -1.72
C ILE A 173 -3.03 -18.43 -1.70
N GLN A 174 -4.34 -18.51 -1.46
CA GLN A 174 -4.99 -19.83 -1.47
C GLN A 174 -5.01 -20.34 -2.91
N LEU A 175 -5.31 -19.45 -3.86
CA LEU A 175 -5.33 -19.84 -5.27
C LEU A 175 -3.95 -20.32 -5.68
N MET A 176 -2.91 -19.64 -5.21
CA MET A 176 -1.54 -20.04 -5.52
C MET A 176 -1.26 -21.42 -4.95
N GLN A 177 -1.65 -21.63 -3.69
CA GLN A 177 -1.43 -22.90 -3.03
CA GLN A 177 -1.45 -22.90 -3.03
C GLN A 177 -2.14 -24.05 -3.76
N ASP A 178 -3.34 -23.78 -4.27
CA ASP A 178 -4.10 -24.81 -4.99
C ASP A 178 -3.77 -24.88 -6.48
N LYS A 179 -2.76 -24.15 -6.89
CA LYS A 179 -2.32 -24.12 -8.29
C LYS A 179 -3.39 -23.61 -9.26
N ARG A 180 -4.28 -22.77 -8.76
CA ARG A 180 -5.34 -22.18 -9.58
C ARG A 180 -4.85 -20.85 -10.12
N ALA A 181 -3.69 -20.42 -9.63
CA ALA A 181 -3.04 -19.19 -10.06
C ALA A 181 -1.57 -19.54 -10.25
N ASP A 182 -0.89 -18.83 -11.14
CA ASP A 182 0.51 -19.09 -11.43
C ASP A 182 1.42 -18.03 -10.82
N ALA A 183 0.91 -16.82 -10.65
CA ALA A 183 1.68 -15.71 -10.11
C ALA A 183 0.75 -14.75 -9.38
N LEU A 184 1.34 -13.92 -8.51
CA LEU A 184 0.59 -12.96 -7.73
C LEU A 184 1.37 -11.67 -7.50
N PHE A 185 0.68 -10.54 -7.66
CA PHE A 185 1.27 -9.22 -7.44
C PHE A 185 0.75 -8.72 -6.10
N TYR A 186 1.57 -7.95 -5.40
CA TYR A 186 1.16 -7.34 -4.13
C TYR A 186 2.09 -6.18 -3.83
N THR A 187 1.54 -4.96 -3.83
CA THR A 187 2.34 -3.79 -3.50
C THR A 187 2.11 -3.68 -2.01
N VAL A 188 3.13 -4.02 -1.23
CA VAL A 188 2.97 -4.06 0.21
C VAL A 188 4.29 -3.94 0.94
N GLY A 189 4.23 -3.53 2.21
CA GLY A 189 5.45 -3.42 2.99
C GLY A 189 6.09 -4.79 3.14
N LEU A 190 7.40 -4.80 3.34
CA LEU A 190 8.11 -6.06 3.52
C LEU A 190 7.59 -6.82 4.74
N GLY A 191 7.59 -8.14 4.65
CA GLY A 191 7.13 -8.96 5.76
C GLY A 191 5.63 -9.13 5.93
N ALA A 192 4.88 -8.81 4.88
CA ALA A 192 3.43 -8.95 4.94
C ALA A 192 3.13 -10.41 5.27
N SER A 193 2.22 -10.63 6.21
CA SER A 193 1.85 -11.98 6.61
C SER A 193 1.44 -12.86 5.43
N ALA A 194 0.67 -12.29 4.51
CA ALA A 194 0.22 -13.04 3.35
C ALA A 194 1.39 -13.58 2.53
N ILE A 195 2.41 -12.76 2.32
CA ILE A 195 3.56 -13.20 1.54
C ILE A 195 4.39 -14.23 2.30
N GLN A 196 4.55 -14.03 3.61
CA GLN A 196 5.31 -14.97 4.41
C GLN A 196 4.61 -16.32 4.37
N GLN A 197 3.30 -16.31 4.53
CA GLN A 197 2.49 -17.54 4.52
C GLN A 197 2.61 -18.23 3.17
N LEU A 198 2.48 -17.47 2.10
CA LEU A 198 2.57 -18.04 0.76
C LEU A 198 3.91 -18.74 0.58
N ALA A 199 4.99 -18.10 0.99
CA ALA A 199 6.32 -18.68 0.86
C ALA A 199 6.48 -19.96 1.68
N LEU A 200 5.83 -20.00 2.84
CA LEU A 200 5.92 -21.18 3.71
C LEU A 200 5.12 -22.37 3.20
N THR A 201 3.99 -22.10 2.56
CA THR A 201 3.13 -23.16 2.07
C THR A 201 3.36 -23.60 0.63
N THR A 202 4.03 -22.76 -0.16
CA THR A 202 4.23 -23.06 -1.58
C THR A 202 5.64 -22.75 -2.08
N PRO A 203 6.16 -23.55 -3.02
CA PRO A 203 7.50 -23.31 -3.56
C PRO A 203 7.37 -22.12 -4.51
N ILE A 204 7.91 -20.97 -4.12
CA ILE A 204 7.81 -19.79 -4.96
C ILE A 204 9.15 -19.15 -5.25
N ALA A 205 9.09 -18.13 -6.09
CA ALA A 205 10.25 -17.35 -6.49
C ALA A 205 9.76 -15.93 -6.67
N LEU A 206 10.65 -14.97 -6.49
CA LEU A 206 10.27 -13.57 -6.68
C LEU A 206 10.81 -13.13 -8.04
N VAL A 207 9.94 -12.50 -8.82
CA VAL A 207 10.30 -12.01 -10.14
C VAL A 207 10.81 -10.59 -10.00
N ALA A 208 11.95 -10.31 -10.63
CA ALA A 208 12.53 -8.99 -10.55
C ALA A 208 11.79 -8.02 -11.47
N VAL A 209 11.90 -6.74 -11.16
CA VAL A 209 11.29 -5.69 -11.96
C VAL A 209 12.43 -4.75 -12.31
N ASP A 210 12.76 -4.67 -13.60
CA ASP A 210 13.85 -3.84 -14.09
C ASP A 210 13.56 -2.35 -13.97
N LEU A 211 14.34 -1.67 -13.14
CA LEU A 211 14.16 -0.24 -12.93
C LEU A 211 14.31 0.57 -14.21
N ASN A 212 15.23 0.15 -15.08
CA ASN A 212 15.44 0.86 -16.34
C ASN A 212 14.19 0.83 -17.21
N ARG A 213 13.49 -0.30 -17.18
CA ARG A 213 12.25 -0.44 -17.96
C ARG A 213 11.17 0.47 -17.36
N ILE A 214 11.17 0.57 -16.04
CA ILE A 214 10.20 1.41 -15.35
C ILE A 214 10.48 2.88 -15.65
N GLN A 215 11.76 3.23 -15.65
CA GLN A 215 12.17 4.61 -15.92
C GLN A 215 11.74 5.06 -17.32
N ALA A 216 11.60 4.11 -18.23
CA ALA A 216 11.18 4.41 -19.60
C ALA A 216 9.75 4.93 -19.67
N ILE A 217 9.02 4.83 -18.55
CA ILE A 217 7.64 5.30 -18.49
C ILE A 217 7.45 6.15 -17.24
N ALA A 218 8.55 6.65 -16.70
CA ALA A 218 8.53 7.46 -15.49
C ALA A 218 7.73 8.75 -15.66
N LYS A 219 7.58 9.21 -16.90
CA LYS A 219 6.83 10.44 -17.15
C LYS A 219 5.35 10.26 -16.84
N LYS A 220 4.86 9.03 -17.00
CA LYS A 220 3.45 8.74 -16.72
C LYS A 220 3.29 8.33 -15.27
N TYR A 221 4.23 7.53 -14.77
CA TYR A 221 4.21 7.03 -13.39
C TYR A 221 5.56 7.36 -12.78
N PRO A 222 5.69 8.54 -12.18
CA PRO A 222 6.91 9.07 -11.55
C PRO A 222 7.25 8.72 -10.11
N PHE A 223 6.46 7.88 -9.44
CA PHE A 223 6.72 7.57 -8.04
C PHE A 223 7.55 6.34 -7.70
N TYR A 224 7.95 5.56 -8.70
CA TYR A 224 8.73 4.35 -8.42
C TYR A 224 10.19 4.63 -8.09
N VAL A 225 10.68 3.90 -7.09
CA VAL A 225 12.08 4.00 -6.69
C VAL A 225 12.62 2.58 -6.62
N GLY A 226 13.89 2.40 -6.95
CA GLY A 226 14.49 1.08 -6.89
C GLY A 226 14.51 0.57 -5.47
N PHE A 227 14.25 -0.71 -5.29
CA PHE A 227 14.23 -1.29 -3.96
C PHE A 227 14.59 -2.77 -4.05
N ASN A 228 15.48 -3.21 -3.18
CA ASN A 228 15.90 -4.61 -3.17
C ASN A 228 15.26 -5.37 -2.02
N ILE A 229 14.60 -6.48 -2.33
CA ILE A 229 14.02 -7.30 -1.27
C ILE A 229 15.18 -8.22 -0.88
N PRO A 230 15.75 -8.00 0.32
CA PRO A 230 16.87 -8.82 0.79
C PRO A 230 16.64 -10.32 0.71
N GLY A 231 17.66 -11.04 0.27
CA GLY A 231 17.54 -12.49 0.20
C GLY A 231 17.29 -12.98 1.62
N GLY A 232 16.44 -13.97 1.77
CA GLY A 232 16.16 -14.50 3.10
C GLY A 232 14.99 -13.82 3.80
N THR A 233 14.34 -12.88 3.12
CA THR A 233 13.19 -12.19 3.71
C THR A 233 12.02 -13.16 3.79
N TYR A 234 11.87 -13.97 2.75
CA TYR A 234 10.79 -14.96 2.70
C TYR A 234 11.36 -16.36 2.52
N LYS A 235 10.66 -17.34 3.08
CA LYS A 235 11.09 -18.74 3.01
C LYS A 235 11.31 -19.22 1.58
N GLY A 236 12.48 -19.80 1.33
CA GLY A 236 12.78 -20.33 0.00
C GLY A 236 13.34 -19.33 -0.99
N VAL A 237 13.30 -18.04 -0.62
CA VAL A 237 13.82 -17.00 -1.50
C VAL A 237 15.09 -16.43 -0.89
N ASP A 238 16.21 -17.11 -1.13
CA ASP A 238 17.48 -16.66 -0.56
C ASP A 238 18.24 -15.65 -1.40
N VAL A 239 17.87 -15.48 -2.66
CA VAL A 239 18.55 -14.51 -3.51
C VAL A 239 17.82 -13.16 -3.37
N THR A 240 18.59 -12.08 -3.39
CA THR A 240 18.04 -10.75 -3.30
C THR A 240 17.28 -10.45 -4.60
N THR A 241 16.15 -9.77 -4.47
CA THR A 241 15.31 -9.45 -5.63
C THR A 241 15.22 -7.95 -5.92
N PRO A 242 15.75 -7.51 -7.07
CA PRO A 242 15.67 -6.09 -7.39
C PRO A 242 14.27 -5.79 -7.93
N THR A 243 13.61 -4.81 -7.33
CA THR A 243 12.27 -4.46 -7.78
C THR A 243 12.08 -2.96 -7.57
N VAL A 244 10.83 -2.53 -7.44
CA VAL A 244 10.54 -1.12 -7.23
C VAL A 244 9.56 -0.95 -6.09
N ALA A 245 9.50 0.27 -5.55
CA ALA A 245 8.61 0.55 -4.44
C ALA A 245 8.01 1.94 -4.52
N VAL A 246 6.90 2.12 -3.80
CA VAL A 246 6.25 3.42 -3.68
C VAL A 246 6.20 3.66 -2.17
N GLN A 247 5.38 4.59 -1.71
CA GLN A 247 5.36 4.89 -0.28
C GLN A 247 3.97 4.83 0.35
N ALA A 248 3.87 4.20 1.51
CA ALA A 248 2.62 4.11 2.24
C ALA A 248 2.38 5.42 2.99
N MET A 249 1.14 5.90 2.98
CA MET A 249 0.81 7.14 3.67
C MET A 249 -0.48 7.01 4.45
N LEU A 250 -0.63 7.87 5.46
CA LEU A 250 -1.85 7.93 6.25
C LEU A 250 -2.51 9.21 5.74
N ILE A 251 -3.73 9.11 5.25
CA ILE A 251 -4.44 10.28 4.74
C ILE A 251 -5.77 10.48 5.47
N ALA A 252 -6.34 11.67 5.33
CA ALA A 252 -7.59 11.98 6.00
C ALA A 252 -8.42 12.96 5.19
N SER A 253 -9.70 13.07 5.54
CA SER A 253 -10.59 13.99 4.86
C SER A 253 -10.35 15.41 5.35
N GLU A 254 -10.41 16.37 4.44
CA GLU A 254 -10.23 17.77 4.81
C GLU A 254 -11.40 18.22 5.68
N ARG A 255 -12.47 17.42 5.67
CA ARG A 255 -13.67 17.72 6.46
C ARG A 255 -13.44 17.59 7.96
N LEU A 256 -12.47 16.80 8.37
CA LEU A 256 -12.18 16.64 9.79
C LEU A 256 -11.65 17.98 10.29
N SER A 257 -12.05 18.37 11.49
CA SER A 257 -11.59 19.65 12.04
C SER A 257 -10.11 19.62 12.34
N GLU A 258 -9.49 20.80 12.33
CA GLU A 258 -8.07 20.93 12.61
C GLU A 258 -7.75 20.38 14.00
N GLU A 259 -8.58 20.70 14.98
CA GLU A 259 -8.31 20.21 16.34
C GLU A 259 -8.49 18.70 16.48
N THR A 260 -9.43 18.12 15.74
CA THR A 260 -9.64 16.67 15.80
C THR A 260 -8.38 15.95 15.29
N VAL A 261 -7.87 16.41 14.15
CA VAL A 261 -6.68 15.80 13.57
C VAL A 261 -5.47 16.02 14.47
N TYR A 262 -5.37 17.23 15.04
CA TYR A 262 -4.25 17.55 15.93
C TYR A 262 -4.27 16.60 17.14
N LYS A 263 -5.43 16.47 17.77
CA LYS A 263 -5.57 15.61 18.94
C LYS A 263 -5.20 14.18 18.56
N PHE A 264 -5.66 13.76 17.38
CA PHE A 264 -5.38 12.42 16.87
C PHE A 264 -3.88 12.21 16.68
N MET A 265 -3.22 13.18 16.05
CA MET A 265 -1.78 13.11 15.80
C MET A 265 -0.99 12.96 17.10
N LYS A 266 -1.38 13.71 18.12
CA LYS A 266 -0.69 13.65 19.40
C LYS A 266 -0.83 12.27 20.04
N ALA A 267 -2.03 11.70 19.97
CA ALA A 267 -2.28 10.41 20.55
C ALA A 267 -1.54 9.29 19.82
N VAL A 268 -1.41 9.44 18.51
CA VAL A 268 -0.75 8.44 17.69
C VAL A 268 0.76 8.60 17.57
N PHE A 269 1.21 9.78 17.16
CA PHE A 269 2.63 10.04 16.97
C PHE A 269 3.33 10.71 18.16
N GLY A 270 2.57 11.09 19.18
CA GLY A 270 3.15 11.74 20.34
C GLY A 270 4.23 10.89 20.98
N ASN A 271 3.95 9.60 21.12
CA ASN A 271 4.90 8.65 21.70
C ASN A 271 5.43 7.78 20.58
N LEU A 272 6.55 8.19 19.98
CA LEU A 272 7.15 7.45 18.88
C LEU A 272 7.42 5.98 19.19
N GLU A 273 7.87 5.71 20.42
CA GLU A 273 8.17 4.35 20.83
C GLU A 273 6.94 3.45 20.66
N ALA A 274 5.82 3.89 21.21
CA ALA A 274 4.58 3.14 21.14
C ALA A 274 4.08 2.98 19.70
N PHE A 275 4.27 4.01 18.88
CA PHE A 275 3.82 3.95 17.50
C PHE A 275 4.63 2.93 16.70
N LYS A 276 5.95 2.98 16.83
CA LYS A 276 6.83 2.05 16.11
C LYS A 276 6.60 0.59 16.47
N LYS A 277 6.10 0.35 17.68
CA LYS A 277 5.84 -1.02 18.14
C LYS A 277 4.70 -1.69 17.36
N ILE A 278 3.89 -0.88 16.67
CA ILE A 278 2.76 -1.41 15.93
C ILE A 278 3.11 -2.42 14.85
N HIS A 279 4.22 -2.18 14.14
CA HIS A 279 4.64 -3.08 13.07
C HIS A 279 6.12 -2.90 12.75
N PRO A 280 6.82 -4.00 12.39
CA PRO A 280 8.24 -3.95 12.06
C PRO A 280 8.62 -2.90 11.01
N ASN A 281 7.73 -2.65 10.06
CA ASN A 281 8.02 -1.66 9.03
C ASN A 281 8.10 -0.25 9.60
N LEU A 282 7.33 0.02 10.66
CA LEU A 282 7.36 1.33 11.28
C LEU A 282 8.65 1.47 12.09
N GLU A 283 8.98 0.42 12.83
CA GLU A 283 10.20 0.41 13.64
C GLU A 283 11.41 0.60 12.72
N ARG A 284 11.38 -0.05 11.57
CA ARG A 284 12.47 0.00 10.61
C ARG A 284 12.54 1.26 9.74
N PHE A 285 11.40 1.72 9.25
CA PHE A 285 11.40 2.87 8.34
C PHE A 285 10.78 4.19 8.79
N PHE A 286 9.93 4.20 9.82
CA PHE A 286 9.31 5.46 10.21
C PHE A 286 10.19 6.49 10.90
N GLY A 287 9.95 7.75 10.54
CA GLY A 287 10.69 8.87 11.11
C GLY A 287 9.85 10.12 10.96
N LEU A 288 9.84 10.97 11.99
CA LEU A 288 9.05 12.20 11.95
C LEU A 288 9.44 13.16 10.83
N GLU A 289 10.74 13.31 10.59
CA GLU A 289 11.21 14.21 9.54
C GLU A 289 10.81 13.69 8.16
N LYS A 290 10.92 12.37 7.98
CA LYS A 290 10.56 11.77 6.70
C LYS A 290 9.05 11.78 6.49
N ALA A 291 8.31 11.84 7.59
CA ALA A 291 6.84 11.84 7.54
C ALA A 291 6.27 13.00 6.73
N VAL A 292 7.00 14.10 6.64
CA VAL A 292 6.52 15.28 5.90
C VAL A 292 7.32 15.55 4.63
N LYS A 293 8.21 14.63 4.29
CA LYS A 293 9.06 14.78 3.10
C LYS A 293 8.42 14.37 1.77
N GLY A 294 8.44 15.29 0.82
CA GLY A 294 7.91 15.04 -0.51
C GLY A 294 6.51 14.47 -0.63
N LEU A 295 5.58 15.00 0.17
CA LEU A 295 4.20 14.54 0.13
C LEU A 295 3.54 14.86 -1.22
N PRO A 296 2.72 13.95 -1.74
CA PRO A 296 2.00 14.10 -3.02
C PRO A 296 0.75 14.97 -2.96
N ILE A 297 0.23 15.16 -1.75
CA ILE A 297 -0.96 15.97 -1.56
C ILE A 297 -0.76 16.90 -0.37
N PRO A 298 -1.60 17.92 -0.21
CA PRO A 298 -1.47 18.87 0.91
C PRO A 298 -1.64 18.23 2.28
N LEU A 299 -0.89 18.73 3.26
CA LEU A 299 -0.98 18.26 4.64
C LEU A 299 -2.28 18.78 5.23
N HIS A 300 -2.89 18.00 6.12
CA HIS A 300 -4.12 18.46 6.76
C HIS A 300 -3.69 19.54 7.75
N PRO A 301 -4.49 20.61 7.90
CA PRO A 301 -4.17 21.71 8.81
C PRO A 301 -3.81 21.24 10.23
N GLY A 302 -4.50 20.21 10.71
CA GLY A 302 -4.24 19.69 12.04
C GLY A 302 -2.89 19.00 12.12
N ALA A 303 -2.45 18.40 11.01
CA ALA A 303 -1.16 17.72 10.98
C ALA A 303 -0.06 18.77 10.90
N GLU A 304 -0.30 19.82 10.13
CA GLU A 304 0.68 20.90 9.99
C GLU A 304 0.97 21.47 11.38
N ARG A 305 -0.09 21.68 12.15
CA ARG A 305 0.01 22.21 13.51
C ARG A 305 0.85 21.28 14.37
N PHE A 306 0.62 19.98 14.25
CA PHE A 306 1.36 18.99 15.02
C PHE A 306 2.84 19.00 14.66
N TYR A 307 3.15 18.98 13.37
CA TYR A 307 4.54 18.97 12.94
C TYR A 307 5.28 20.24 13.29
N LYS A 308 4.60 21.38 13.23
CA LYS A 308 5.22 22.65 13.58
C LYS A 308 5.59 22.59 15.06
N GLU A 309 4.65 22.11 15.86
CA GLU A 309 4.84 21.97 17.30
C GLU A 309 5.99 21.02 17.61
N ALA A 310 6.13 19.98 16.80
CA ALA A 310 7.18 18.99 16.99
C ALA A 310 8.51 19.50 16.46
N GLY A 311 8.48 20.66 15.79
CA GLY A 311 9.69 21.24 15.25
C GLY A 311 10.20 20.59 13.98
N VAL A 312 9.32 19.88 13.28
CA VAL A 312 9.70 19.20 12.05
C VAL A 312 9.37 20.09 10.84
N LEU A 313 8.48 21.05 11.04
CA LEU A 313 8.09 21.99 9.98
C LEU A 313 8.27 23.41 10.49
N LYS A 314 8.30 24.33 9.64
N GLU B . -0.78 -0.73 -1.02
CA GLU B . -1.75 -1.87 -1.21
C GLU B . -2.95 -1.44 -2.02
O GLU B . -3.33 -0.25 -1.95
CB GLU B . -2.20 -2.39 0.16
CG GLU B . -1.05 -2.93 0.98
CD GLU B . -1.46 -3.40 2.36
OE1 GLU B . -2.63 -3.80 2.54
OE2 GLU B . -0.60 -3.38 3.27
OXT GLU B . -3.51 -2.30 -2.73
C1 EDO C . -2.70 -9.66 -3.55
O1 EDO C . -2.46 -8.39 -4.15
C2 EDO C . -4.16 -10.03 -3.62
O2 EDO C . -4.98 -9.01 -3.02
#